data_3LNB
#
_entry.id   3LNB
#
_cell.length_a   53.990
_cell.length_b   53.990
_cell.length_c   172.440
_cell.angle_alpha   90.00
_cell.angle_beta   90.00
_cell.angle_gamma   90.00
#
_symmetry.space_group_name_H-M   'P 41 21 2'
#
loop_
_entity.id
_entity.type
_entity.pdbx_description
1 polymer 'N-acetyltransferase family protein'
2 non-polymer 'COENZYME A'
3 non-polymer 'FORMIC ACID'
4 water water
#
_entity_poly.entity_id   1
_entity_poly.type   'polypeptide(L)'
_entity_poly.pdbx_seq_one_letter_code
;HHHHHHSSGLVPRGSHMASMTGGQQMGRGSMMTNLQKEFFKRLKIPAKEITFNDLDEILLNMGMILPFENLDIMAGTIKN
ISKNNLVEKLLIQKRGGLCYELNSLLYYFLMDCGFQVYKVAGTVYDLYDNKWKPDDGHVIIILHHNKKDYVIDAGFASHL
PLHPVPFSGEVISSQTGEYRIRKRTTQKGTHILEMRKGANGESTNFLQSEPSDEWKIGYAFTLDPIDEQKVNNIQKVIVE
HKESPFNKGAITCKLTNYGHISLTNKNYTETFKGTKNKRPIESKDYARILRESFGITQVKYVGKTLERG
;
_entity_poly.pdbx_strand_id   A
#
# COMPACT_ATOMS: atom_id res chain seq x y z
N MET A 31 -27.36 8.77 -1.47
CA MET A 31 -26.75 8.00 -2.59
C MET A 31 -25.46 7.32 -2.14
N MET A 32 -24.35 7.94 -2.50
CA MET A 32 -23.02 7.46 -2.14
C MET A 32 -22.81 7.82 -0.68
N THR A 33 -21.93 7.09 0.00
CA THR A 33 -21.63 7.36 1.40
C THR A 33 -20.65 8.55 1.45
N ASN A 34 -20.41 9.07 2.66
CA ASN A 34 -19.48 10.17 2.82
C ASN A 34 -18.10 9.71 2.37
N LEU A 35 -17.72 8.51 2.80
CA LEU A 35 -16.42 7.95 2.44
C LEU A 35 -16.27 7.88 0.92
N GLN A 36 -17.29 7.36 0.24
CA GLN A 36 -17.24 7.24 -1.22
C GLN A 36 -17.05 8.61 -1.86
N LYS A 37 -17.82 9.58 -1.40
CA LYS A 37 -17.74 10.94 -1.93
C LYS A 37 -16.33 11.50 -1.73
N GLU A 38 -15.79 11.37 -0.53
CA GLU A 38 -14.46 11.88 -0.25
C GLU A 38 -13.40 11.10 -1.00
N PHE A 39 -13.62 9.80 -1.14
CA PHE A 39 -12.67 8.94 -1.84
C PHE A 39 -12.53 9.42 -3.29
N PHE A 40 -13.66 9.55 -3.98
CA PHE A 40 -13.69 10.00 -5.38
C PHE A 40 -12.98 11.35 -5.55
N LYS A 41 -13.23 12.27 -4.63
CA LYS A 41 -12.63 13.60 -4.68
C LYS A 41 -11.10 13.52 -4.55
N ARG A 42 -10.63 12.82 -3.52
CA ARG A 42 -9.20 12.70 -3.30
C ARG A 42 -8.47 12.07 -4.48
N LEU A 43 -9.02 10.98 -5.02
CA LEU A 43 -8.39 10.29 -6.12
C LEU A 43 -8.75 10.86 -7.49
N LYS A 44 -9.40 12.02 -7.49
CA LYS A 44 -9.77 12.69 -8.72
C LYS A 44 -10.51 11.79 -9.69
N ILE A 45 -11.41 10.96 -9.16
CA ILE A 45 -12.19 10.06 -9.99
C ILE A 45 -13.65 10.47 -9.89
N PRO A 46 -14.29 10.72 -11.05
CA PRO A 46 -15.69 11.13 -11.06
C PRO A 46 -16.53 10.11 -10.30
N ALA A 47 -17.47 10.60 -9.50
CA ALA A 47 -18.34 9.72 -8.75
C ALA A 47 -19.11 8.88 -9.79
N LYS A 48 -19.11 7.57 -9.61
CA LYS A 48 -19.79 6.66 -10.52
C LYS A 48 -19.87 5.27 -9.90
N GLU A 49 -20.62 4.35 -10.51
CA GLU A 49 -20.69 3.01 -9.96
C GLU A 49 -19.36 2.36 -10.27
N ILE A 50 -18.77 1.70 -9.27
CA ILE A 50 -17.49 1.04 -9.49
C ILE A 50 -17.67 -0.45 -9.70
N THR A 51 -17.24 -0.94 -10.84
CA THR A 51 -17.35 -2.36 -11.14
C THR A 51 -15.95 -2.98 -11.16
N PHE A 52 -15.89 -4.29 -11.32
CA PHE A 52 -14.62 -4.99 -11.35
C PHE A 52 -13.62 -4.37 -12.31
N ASN A 53 -14.08 -4.07 -13.52
CA ASN A 53 -13.19 -3.48 -14.52
C ASN A 53 -12.68 -2.10 -14.13
N ASP A 54 -13.27 -1.48 -13.12
CA ASP A 54 -12.85 -0.16 -12.66
C ASP A 54 -11.77 -0.18 -11.58
N LEU A 55 -11.41 -1.39 -11.14
CA LEU A 55 -10.42 -1.53 -10.08
C LEU A 55 -9.02 -1.05 -10.48
N ASP A 56 -8.68 -1.21 -11.75
CA ASP A 56 -7.39 -0.81 -12.26
C ASP A 56 -7.21 0.70 -12.11
N GLU A 57 -8.26 1.44 -12.47
CA GLU A 57 -8.26 2.88 -12.37
C GLU A 57 -8.13 3.30 -10.92
N ILE A 58 -8.81 2.59 -10.03
CA ILE A 58 -8.74 2.91 -8.60
C ILE A 58 -7.31 2.72 -8.09
N LEU A 59 -6.74 1.56 -8.37
CA LEU A 59 -5.37 1.27 -7.93
C LEU A 59 -4.35 2.23 -8.51
N LEU A 60 -4.51 2.56 -9.79
CA LEU A 60 -3.60 3.47 -10.45
C LEU A 60 -3.57 4.85 -9.78
N ASN A 61 -4.75 5.43 -9.59
CA ASN A 61 -4.83 6.76 -8.97
C ASN A 61 -4.31 6.77 -7.55
N MET A 62 -4.59 5.70 -6.80
CA MET A 62 -4.10 5.61 -5.43
C MET A 62 -2.59 5.66 -5.44
N GLY A 63 -1.97 4.88 -6.32
CA GLY A 63 -0.52 4.86 -6.40
C GLY A 63 0.08 6.20 -6.77
N MET A 64 -0.62 6.94 -7.63
CA MET A 64 -0.17 8.25 -8.10
C MET A 64 -0.46 9.40 -7.14
N ILE A 65 -1.43 9.21 -6.25
CA ILE A 65 -1.84 10.28 -5.34
C ILE A 65 -1.64 10.04 -3.84
N LEU A 66 -2.01 8.88 -3.35
CA LEU A 66 -1.85 8.56 -1.93
C LEU A 66 -0.42 8.12 -1.60
N PRO A 67 0.36 9.00 -0.98
CA PRO A 67 1.75 8.66 -0.63
C PRO A 67 1.85 7.55 0.40
N PHE A 68 2.87 6.72 0.26
CA PHE A 68 3.14 5.63 1.21
C PHE A 68 4.06 6.32 2.21
N GLU A 69 3.60 6.49 3.45
CA GLU A 69 4.42 7.15 4.46
C GLU A 69 4.16 6.72 5.90
N ASN A 70 5.14 7.00 6.75
CA ASN A 70 5.11 6.64 8.17
C ASN A 70 5.36 7.87 9.04
N LEU A 71 5.04 9.05 8.52
CA LEU A 71 5.27 10.29 9.25
C LEU A 71 4.61 10.41 10.62
N ASP A 72 3.46 9.76 10.82
CA ASP A 72 2.79 9.83 12.13
C ASP A 72 3.62 9.04 13.14
N ILE A 73 4.20 7.94 12.68
CA ILE A 73 5.03 7.11 13.54
C ILE A 73 6.23 7.97 13.94
N MET A 74 6.80 8.67 12.97
CA MET A 74 7.95 9.54 13.24
C MET A 74 7.58 10.69 14.19
N ALA A 75 6.41 11.28 13.97
CA ALA A 75 5.97 12.41 14.80
C ALA A 75 5.30 11.99 16.11
N GLY A 76 5.02 10.70 16.27
CA GLY A 76 4.37 10.24 17.48
C GLY A 76 2.92 10.72 17.58
N THR A 77 2.20 10.62 16.47
CA THR A 77 0.81 11.04 16.40
C THR A 77 -0.03 9.94 15.75
N ILE A 78 0.08 8.74 16.31
CA ILE A 78 -0.60 7.56 15.82
C ILE A 78 -1.94 7.27 16.50
N LYS A 79 -3.00 7.25 15.71
CA LYS A 79 -4.34 6.96 16.22
C LYS A 79 -4.69 5.54 15.81
N ASN A 80 -5.71 4.97 16.45
CA ASN A 80 -6.14 3.63 16.09
C ASN A 80 -6.79 3.73 14.73
N ILE A 81 -6.84 2.61 14.02
CA ILE A 81 -7.41 2.56 12.70
C ILE A 81 -8.93 2.38 12.75
N SER A 82 -9.64 3.19 11.97
CA SER A 82 -11.09 3.14 11.87
C SER A 82 -11.47 3.83 10.57
N LYS A 83 -12.66 3.52 10.05
CA LYS A 83 -13.13 4.12 8.81
C LYS A 83 -13.00 5.65 8.89
N ASN A 84 -13.63 6.22 9.91
CA ASN A 84 -13.61 7.65 10.11
C ASN A 84 -12.20 8.24 10.18
N ASN A 85 -11.33 7.62 10.98
CA ASN A 85 -9.97 8.10 11.12
C ASN A 85 -9.21 8.02 9.81
N LEU A 86 -9.50 6.99 9.01
CA LEU A 86 -8.86 6.83 7.72
C LEU A 86 -9.35 7.92 6.77
N VAL A 87 -10.66 8.16 6.75
CA VAL A 87 -11.22 9.20 5.89
C VAL A 87 -10.62 10.55 6.29
N GLU A 88 -10.54 10.81 7.59
CA GLU A 88 -10.00 12.08 8.08
C GLU A 88 -8.55 12.29 7.68
N LYS A 89 -7.71 11.29 7.94
CA LYS A 89 -6.29 11.40 7.61
C LYS A 89 -5.94 11.36 6.14
N LEU A 90 -6.23 10.25 5.47
CA LEU A 90 -5.87 10.08 4.06
C LEU A 90 -6.67 10.84 3.03
N LEU A 91 -7.93 11.14 3.32
CA LEU A 91 -8.72 11.86 2.33
C LEU A 91 -8.84 13.34 2.64
N ILE A 92 -9.45 13.67 3.78
CA ILE A 92 -9.64 15.08 4.16
C ILE A 92 -8.36 15.88 4.40
N GLN A 93 -7.44 15.36 5.20
CA GLN A 93 -6.22 16.09 5.49
C GLN A 93 -5.15 15.83 4.42
N LYS A 94 -5.57 15.16 3.35
CA LYS A 94 -4.70 14.84 2.23
C LYS A 94 -3.31 14.31 2.63
N ARG A 95 -3.32 13.30 3.51
CA ARG A 95 -2.09 12.65 3.95
C ARG A 95 -1.99 11.29 3.26
N GLY A 96 -0.93 10.56 3.57
CA GLY A 96 -0.73 9.24 3.02
C GLY A 96 -0.73 8.25 4.16
N GLY A 97 0.00 7.14 4.01
CA GLY A 97 0.06 6.16 5.06
C GLY A 97 0.78 4.87 4.69
N LEU A 98 0.80 3.93 5.62
CA LEU A 98 1.45 2.65 5.37
C LEU A 98 0.41 1.66 4.84
N CYS A 99 0.86 0.46 4.49
CA CYS A 99 0.00 -0.57 3.94
C CYS A 99 -1.30 -0.83 4.70
N TYR A 100 -1.22 -1.01 6.02
CA TYR A 100 -2.44 -1.28 6.79
C TYR A 100 -3.46 -0.14 6.80
N GLU A 101 -3.02 1.06 6.43
CA GLU A 101 -3.94 2.21 6.38
C GLU A 101 -4.50 2.31 4.97
N LEU A 102 -3.60 2.26 3.99
CA LEU A 102 -4.00 2.35 2.59
C LEU A 102 -5.00 1.25 2.24
N ASN A 103 -4.68 0.01 2.59
CA ASN A 103 -5.58 -1.09 2.27
C ASN A 103 -6.83 -1.18 3.15
N SER A 104 -6.77 -0.64 4.37
CA SER A 104 -7.95 -0.65 5.22
C SER A 104 -8.94 0.32 4.61
N LEU A 105 -8.46 1.47 4.16
CA LEU A 105 -9.31 2.48 3.54
C LEU A 105 -9.94 1.91 2.28
N LEU A 106 -9.11 1.34 1.41
CA LEU A 106 -9.61 0.75 0.17
C LEU A 106 -10.64 -0.33 0.49
N TYR A 107 -10.40 -1.08 1.57
CA TYR A 107 -11.33 -2.12 1.97
C TYR A 107 -12.71 -1.51 2.19
N TYR A 108 -12.76 -0.49 3.05
CA TYR A 108 -14.02 0.18 3.35
C TYR A 108 -14.67 0.69 2.08
N PHE A 109 -13.86 1.32 1.22
CA PHE A 109 -14.38 1.86 -0.03
C PHE A 109 -15.02 0.75 -0.88
N LEU A 110 -14.30 -0.34 -1.07
CA LEU A 110 -14.80 -1.44 -1.88
C LEU A 110 -16.05 -2.09 -1.26
N MET A 111 -16.15 -2.05 0.07
CA MET A 111 -17.33 -2.60 0.72
C MET A 111 -18.50 -1.70 0.37
N ASP A 112 -18.30 -0.39 0.44
CA ASP A 112 -19.35 0.56 0.10
C ASP A 112 -19.78 0.38 -1.35
N CYS A 113 -18.82 -0.01 -2.19
CA CYS A 113 -19.09 -0.23 -3.60
C CYS A 113 -19.73 -1.59 -3.82
N GLY A 114 -19.85 -2.38 -2.75
CA GLY A 114 -20.50 -3.68 -2.85
C GLY A 114 -19.67 -4.87 -3.31
N PHE A 115 -18.36 -4.82 -3.13
CA PHE A 115 -17.52 -5.95 -3.54
C PHE A 115 -17.42 -6.95 -2.40
N GLN A 116 -17.12 -8.20 -2.74
CA GLN A 116 -16.94 -9.26 -1.77
C GLN A 116 -15.46 -9.21 -1.41
N VAL A 117 -15.13 -8.46 -0.37
CA VAL A 117 -13.73 -8.32 0.03
C VAL A 117 -13.52 -8.54 1.51
N TYR A 118 -12.28 -8.89 1.86
CA TYR A 118 -11.89 -9.06 3.26
C TYR A 118 -10.39 -8.85 3.37
N LYS A 119 -9.94 -8.46 4.56
CA LYS A 119 -8.53 -8.20 4.82
C LYS A 119 -7.84 -9.43 5.40
N VAL A 120 -6.55 -9.57 5.09
CA VAL A 120 -5.75 -10.69 5.62
C VAL A 120 -4.37 -10.13 5.93
N ALA A 121 -3.65 -10.79 6.83
CA ALA A 121 -2.32 -10.33 7.17
C ALA A 121 -1.32 -10.96 6.21
N GLY A 122 -0.16 -10.32 6.11
CA GLY A 122 0.90 -10.82 5.26
C GLY A 122 2.22 -10.52 5.94
N THR A 123 3.26 -11.20 5.51
CA THR A 123 4.60 -11.03 6.06
C THR A 123 5.51 -10.82 4.86
N VAL A 124 6.16 -9.65 4.81
CA VAL A 124 7.04 -9.32 3.69
C VAL A 124 8.43 -9.96 3.84
N TYR A 125 9.09 -10.23 2.72
CA TYR A 125 10.42 -10.81 2.76
C TYR A 125 11.44 -9.72 2.45
N ASP A 126 12.49 -9.63 3.26
CA ASP A 126 13.54 -8.64 3.06
C ASP A 126 14.54 -9.22 2.07
N LEU A 127 14.53 -8.69 0.85
CA LEU A 127 15.40 -9.18 -0.21
C LEU A 127 16.89 -8.89 -0.03
N TYR A 128 17.21 -7.75 0.59
CA TYR A 128 18.60 -7.38 0.80
C TYR A 128 19.28 -8.22 1.88
N ASP A 129 18.57 -8.46 2.97
CA ASP A 129 19.17 -9.22 4.07
C ASP A 129 18.65 -10.63 4.22
N ASN A 130 18.04 -11.14 3.17
CA ASN A 130 17.53 -12.50 3.15
C ASN A 130 16.85 -12.95 4.45
N LYS A 131 15.68 -12.40 4.73
CA LYS A 131 14.95 -12.77 5.93
C LYS A 131 13.55 -12.21 5.90
N TRP A 132 12.67 -12.75 6.74
CA TRP A 132 11.30 -12.26 6.78
C TRP A 132 11.24 -11.04 7.68
N LYS A 133 10.45 -10.05 7.27
CA LYS A 133 10.26 -8.87 8.09
C LYS A 133 9.33 -9.38 9.19
N PRO A 134 9.02 -8.55 10.20
CA PRO A 134 8.14 -9.00 11.28
C PRO A 134 6.84 -9.66 10.84
N ASP A 135 6.43 -10.69 11.57
CA ASP A 135 5.20 -11.44 11.30
C ASP A 135 4.00 -10.49 11.14
N ASP A 136 3.24 -10.71 10.07
CA ASP A 136 2.04 -9.91 9.78
C ASP A 136 2.27 -8.41 9.74
N GLY A 137 3.36 -7.99 9.09
CA GLY A 137 3.64 -6.57 8.98
C GLY A 137 3.10 -5.97 7.70
N HIS A 138 2.12 -6.63 7.10
CA HIS A 138 1.49 -6.15 5.88
C HIS A 138 0.03 -6.54 5.94
N VAL A 139 -0.82 -5.72 5.32
CA VAL A 139 -2.26 -5.97 5.28
C VAL A 139 -2.71 -5.80 3.84
N ILE A 140 -3.41 -6.79 3.33
CA ILE A 140 -3.90 -6.76 1.95
C ILE A 140 -5.37 -7.14 1.88
N ILE A 141 -5.95 -7.00 0.70
CA ILE A 141 -7.36 -7.31 0.46
C ILE A 141 -7.52 -8.50 -0.46
N ILE A 142 -8.47 -9.38 -0.13
CA ILE A 142 -8.77 -10.52 -0.98
C ILE A 142 -10.18 -10.26 -1.50
N LEU A 143 -10.32 -10.26 -2.83
CA LEU A 143 -11.61 -10.01 -3.48
C LEU A 143 -12.13 -11.25 -4.18
N HIS A 144 -13.41 -11.54 -3.99
CA HIS A 144 -14.03 -12.67 -4.65
C HIS A 144 -14.96 -12.10 -5.72
N HIS A 145 -14.69 -12.46 -6.97
CA HIS A 145 -15.50 -11.96 -8.08
C HIS A 145 -15.70 -13.02 -9.16
N ASN A 146 -16.96 -13.31 -9.47
CA ASN A 146 -17.28 -14.29 -10.49
C ASN A 146 -16.56 -15.61 -10.28
N LYS A 147 -16.68 -16.16 -9.09
CA LYS A 147 -16.05 -17.43 -8.76
C LYS A 147 -14.52 -17.43 -8.70
N LYS A 148 -13.92 -16.24 -8.73
CA LYS A 148 -12.47 -16.13 -8.68
C LYS A 148 -11.97 -15.21 -7.58
N ASP A 149 -10.81 -15.54 -7.00
CA ASP A 149 -10.22 -14.74 -5.96
C ASP A 149 -9.08 -13.90 -6.52
N TYR A 150 -8.93 -12.70 -6.00
CA TYR A 150 -7.87 -11.79 -6.43
C TYR A 150 -7.25 -11.11 -5.24
N VAL A 151 -5.97 -10.78 -5.35
CA VAL A 151 -5.31 -10.03 -4.30
C VAL A 151 -5.43 -8.58 -4.74
N ILE A 152 -5.86 -7.72 -3.82
CA ILE A 152 -5.98 -6.30 -4.09
C ILE A 152 -5.00 -5.67 -3.13
N ASP A 153 -3.94 -5.06 -3.65
CA ASP A 153 -2.94 -4.46 -2.78
C ASP A 153 -2.47 -3.09 -3.24
N ALA A 154 -2.77 -2.08 -2.43
CA ALA A 154 -2.36 -0.72 -2.74
C ALA A 154 -1.39 -0.23 -1.68
N GLY A 155 -0.86 -1.15 -0.89
CA GLY A 155 0.06 -0.76 0.17
C GLY A 155 1.50 -1.24 0.07
N PHE A 156 1.87 -1.86 -1.04
CA PHE A 156 3.23 -2.37 -1.19
C PHE A 156 4.25 -1.33 -1.69
N ALA A 157 4.03 -0.08 -1.32
CA ALA A 157 4.91 1.05 -1.66
C ALA A 157 5.24 1.21 -3.14
N SER A 158 6.46 0.84 -3.53
CA SER A 158 6.86 0.98 -4.93
C SER A 158 6.53 -0.27 -5.74
N HIS A 159 6.20 -1.36 -5.05
CA HIS A 159 5.87 -2.63 -5.70
C HIS A 159 4.35 -2.79 -5.84
N LEU A 160 3.72 -1.81 -6.47
CA LEU A 160 2.27 -1.83 -6.66
C LEU A 160 1.86 -2.54 -7.95
N PRO A 161 1.01 -3.56 -7.85
CA PRO A 161 0.57 -4.30 -9.04
C PRO A 161 -0.30 -3.44 -9.95
N LEU A 162 -1.09 -2.56 -9.34
CA LEU A 162 -1.98 -1.65 -10.08
C LEU A 162 -3.09 -2.37 -10.85
N HIS A 163 -3.32 -3.63 -10.51
CA HIS A 163 -4.37 -4.46 -11.11
C HIS A 163 -4.65 -5.61 -10.14
N PRO A 164 -5.87 -6.15 -10.12
CA PRO A 164 -6.12 -7.25 -9.21
C PRO A 164 -5.20 -8.38 -9.66
N VAL A 165 -4.62 -9.13 -8.72
CA VAL A 165 -3.73 -10.23 -9.09
C VAL A 165 -4.49 -11.52 -8.83
N PRO A 166 -4.82 -12.27 -9.89
CA PRO A 166 -5.56 -13.52 -9.80
C PRO A 166 -4.84 -14.68 -9.15
N PHE A 167 -5.58 -15.40 -8.30
CA PHE A 167 -5.06 -16.58 -7.62
C PHE A 167 -4.76 -17.66 -8.66
N SER A 168 -5.37 -17.56 -9.84
CA SER A 168 -5.16 -18.53 -10.89
C SER A 168 -3.71 -18.49 -11.39
N GLY A 169 -2.96 -17.48 -10.95
CA GLY A 169 -1.55 -17.41 -11.32
C GLY A 169 -1.05 -16.64 -12.53
N GLU A 170 -1.93 -16.16 -13.40
CA GLU A 170 -1.47 -15.42 -14.57
C GLU A 170 -0.64 -14.21 -14.12
N VAL A 171 0.34 -13.84 -14.93
CA VAL A 171 1.19 -12.71 -14.61
C VAL A 171 0.46 -11.38 -14.78
N ILE A 172 0.72 -10.45 -13.86
CA ILE A 172 0.14 -9.12 -13.93
C ILE A 172 1.35 -8.20 -14.11
N SER A 173 1.32 -7.35 -15.12
CA SER A 173 2.44 -6.45 -15.34
C SER A 173 1.99 -5.00 -15.30
N SER A 174 2.84 -4.15 -14.76
CA SER A 174 2.54 -2.73 -14.68
C SER A 174 3.87 -2.01 -14.80
N GLN A 175 3.86 -0.68 -14.66
CA GLN A 175 5.10 0.07 -14.76
C GLN A 175 6.05 -0.25 -13.61
N THR A 176 5.55 -0.85 -12.54
CA THR A 176 6.42 -1.14 -11.40
C THR A 176 7.09 -2.50 -11.49
N GLY A 177 6.61 -3.35 -12.39
CA GLY A 177 7.18 -4.67 -12.55
C GLY A 177 6.13 -5.71 -12.86
N GLU A 178 6.46 -6.97 -12.61
CA GLU A 178 5.54 -8.08 -12.86
C GLU A 178 5.20 -8.78 -11.57
N TYR A 179 3.98 -9.28 -11.46
CA TYR A 179 3.53 -9.97 -10.25
C TYR A 179 2.65 -11.19 -10.52
N ARG A 180 2.71 -12.15 -9.62
CA ARG A 180 1.92 -13.37 -9.74
C ARG A 180 1.66 -13.97 -8.37
N ILE A 181 0.54 -14.67 -8.25
CA ILE A 181 0.15 -15.33 -7.02
C ILE A 181 0.37 -16.84 -7.17
N ARG A 182 0.88 -17.44 -6.10
CA ARG A 182 1.12 -18.87 -6.07
C ARG A 182 0.72 -19.40 -4.69
N LYS A 183 0.02 -20.53 -4.69
CA LYS A 183 -0.39 -21.15 -3.44
C LYS A 183 0.75 -22.06 -3.04
N ARG A 184 1.67 -21.53 -2.25
CA ARG A 184 2.83 -22.28 -1.79
C ARG A 184 2.94 -22.03 -0.29
N THR A 185 3.09 -23.11 0.46
CA THR A 185 3.23 -22.99 1.90
C THR A 185 4.64 -22.50 2.20
N THR A 186 4.75 -21.61 3.18
CA THR A 186 6.04 -21.08 3.61
C THR A 186 5.96 -20.96 5.12
N GLN A 187 7.06 -20.59 5.75
CA GLN A 187 7.10 -20.41 7.19
C GLN A 187 6.09 -19.37 7.63
N LYS A 188 5.69 -18.49 6.73
CA LYS A 188 4.77 -17.42 7.11
C LYS A 188 3.39 -17.47 6.47
N GLY A 189 3.08 -18.53 5.73
CA GLY A 189 1.76 -18.59 5.12
C GLY A 189 1.44 -19.76 4.21
N THR A 190 0.33 -19.62 3.49
CA THR A 190 -0.15 -20.64 2.57
C THR A 190 -0.04 -20.17 1.12
N HIS A 191 0.04 -18.85 0.94
CA HIS A 191 0.14 -18.26 -0.39
C HIS A 191 1.26 -17.23 -0.40
N ILE A 192 1.68 -16.85 -1.59
CA ILE A 192 2.73 -15.86 -1.75
C ILE A 192 2.45 -15.01 -2.97
N LEU A 193 2.98 -13.79 -2.95
CA LEU A 193 2.87 -12.91 -4.08
C LEU A 193 4.35 -12.79 -4.46
N GLU A 194 4.68 -13.21 -5.67
CA GLU A 194 6.05 -13.12 -6.14
C GLU A 194 6.13 -11.95 -7.10
N MET A 195 7.33 -11.45 -7.34
CA MET A 195 7.49 -10.31 -8.23
C MET A 195 8.89 -10.24 -8.84
N ARG A 196 9.02 -9.42 -9.89
CA ARG A 196 10.29 -9.20 -10.57
C ARG A 196 10.14 -7.98 -11.48
N LYS A 197 11.26 -7.47 -11.99
CA LYS A 197 11.24 -6.32 -12.88
C LYS A 197 10.39 -6.61 -14.12
N ASP A 213 15.04 -9.42 -12.78
CA ASP A 213 14.61 -10.38 -13.81
C ASP A 213 14.13 -11.71 -13.26
N GLU A 214 14.61 -12.09 -12.07
CA GLU A 214 14.18 -13.37 -11.50
C GLU A 214 13.06 -13.24 -10.46
N TRP A 215 12.07 -14.12 -10.55
CA TRP A 215 10.94 -14.11 -9.62
C TRP A 215 11.42 -14.29 -8.19
N LYS A 216 10.83 -13.55 -7.27
CA LYS A 216 11.21 -13.64 -5.87
C LYS A 216 9.98 -13.35 -5.01
N ILE A 217 9.98 -13.87 -3.79
CA ILE A 217 8.84 -13.65 -2.90
C ILE A 217 8.74 -12.20 -2.43
N GLY A 218 7.58 -11.60 -2.65
CA GLY A 218 7.35 -10.24 -2.19
C GLY A 218 6.90 -10.41 -0.75
N TYR A 219 5.82 -11.17 -0.59
CA TYR A 219 5.29 -11.46 0.73
C TYR A 219 4.46 -12.74 0.74
N ALA A 220 4.35 -13.31 1.93
CA ALA A 220 3.57 -14.51 2.14
C ALA A 220 2.31 -14.06 2.85
N PHE A 221 1.25 -14.85 2.76
CA PHE A 221 -0.01 -14.54 3.42
C PHE A 221 -0.92 -15.76 3.51
N THR A 222 -1.99 -15.63 4.27
CA THR A 222 -2.97 -16.70 4.44
C THR A 222 -4.34 -16.10 4.12
N LEU A 223 -5.38 -16.92 4.15
CA LEU A 223 -6.72 -16.44 3.86
C LEU A 223 -7.55 -16.27 5.14
N ASP A 224 -6.88 -16.15 6.28
CA ASP A 224 -7.56 -15.94 7.56
C ASP A 224 -7.97 -14.46 7.67
N PRO A 225 -9.28 -14.18 7.71
CA PRO A 225 -9.84 -12.84 7.81
C PRO A 225 -9.41 -12.09 9.08
N ILE A 226 -9.00 -10.84 8.93
CA ILE A 226 -8.59 -10.05 10.09
C ILE A 226 -9.50 -8.84 10.28
N ASP A 227 -9.77 -8.49 11.53
CA ASP A 227 -10.64 -7.37 11.86
C ASP A 227 -9.85 -6.12 12.23
N GLU A 228 -10.55 -5.07 12.63
CA GLU A 228 -9.92 -3.79 12.98
C GLU A 228 -8.99 -3.92 14.19
N GLN A 229 -9.36 -4.75 15.16
CA GLN A 229 -8.51 -4.93 16.34
C GLN A 229 -7.14 -5.50 15.91
N LYS A 230 -7.17 -6.51 15.05
CA LYS A 230 -5.93 -7.12 14.57
C LYS A 230 -5.14 -6.07 13.79
N VAL A 231 -5.84 -5.31 12.97
CA VAL A 231 -5.19 -4.26 12.19
C VAL A 231 -4.55 -3.25 13.14
N ASN A 232 -5.19 -2.99 14.28
CA ASN A 232 -4.62 -2.07 15.26
C ASN A 232 -3.42 -2.71 15.93
N ASN A 233 -3.45 -4.04 16.06
CA ASN A 233 -2.33 -4.75 16.69
C ASN A 233 -1.15 -4.70 15.71
N ILE A 234 -1.44 -4.84 14.43
CA ILE A 234 -0.41 -4.80 13.41
C ILE A 234 0.25 -3.41 13.43
N GLN A 235 -0.54 -2.37 13.58
CA GLN A 235 0.00 -1.02 13.62
C GLN A 235 0.95 -0.88 14.80
N LYS A 236 0.52 -1.36 15.96
CA LYS A 236 1.35 -1.26 17.16
C LYS A 236 2.69 -1.99 17.00
N VAL A 237 2.67 -3.16 16.38
CA VAL A 237 3.90 -3.92 16.17
C VAL A 237 4.87 -3.19 15.24
N ILE A 238 4.32 -2.46 14.27
CA ILE A 238 5.13 -1.70 13.34
C ILE A 238 5.68 -0.45 14.02
N VAL A 239 4.95 0.04 15.00
CA VAL A 239 5.36 1.21 15.77
C VAL A 239 6.42 0.85 16.81
N GLU A 240 6.35 -0.35 17.38
CA GLU A 240 7.29 -0.74 18.44
C GLU A 240 8.29 -1.89 18.21
N HIS A 241 8.07 -2.77 17.25
CA HIS A 241 8.99 -3.89 17.04
C HIS A 241 10.41 -3.39 16.77
N LYS A 242 11.39 -3.99 17.44
CA LYS A 242 12.79 -3.61 17.27
C LYS A 242 13.26 -3.80 15.83
N GLU A 243 12.68 -4.78 15.14
CA GLU A 243 13.06 -5.01 13.74
C GLU A 243 12.05 -4.38 12.79
N SER A 244 11.11 -3.62 13.32
CA SER A 244 10.14 -2.98 12.44
C SER A 244 10.92 -2.04 11.52
N PRO A 245 10.67 -2.14 10.22
CA PRO A 245 11.36 -1.30 9.24
C PRO A 245 10.86 0.14 9.29
N PHE A 246 9.67 0.34 9.84
CA PHE A 246 9.05 1.65 9.85
C PHE A 246 9.14 2.57 11.07
N ASN A 247 9.98 2.24 12.04
CA ASN A 247 10.10 3.12 13.20
C ASN A 247 11.57 3.51 13.35
N LYS A 248 12.30 3.44 12.26
CA LYS A 248 13.72 3.76 12.26
C LYS A 248 14.08 5.06 11.54
N GLY A 249 13.15 5.57 10.74
CA GLY A 249 13.41 6.79 10.00
C GLY A 249 12.25 7.08 9.08
N ALA A 250 12.05 8.36 8.76
CA ALA A 250 10.95 8.75 7.90
C ALA A 250 11.09 8.26 6.47
N ILE A 251 9.97 7.86 5.90
CA ILE A 251 9.93 7.41 4.51
C ILE A 251 8.62 7.88 3.90
N THR A 252 8.70 8.36 2.66
CA THR A 252 7.53 8.82 1.92
C THR A 252 7.83 8.43 0.48
N CYS A 253 6.92 7.67 -0.11
CA CYS A 253 7.07 7.19 -1.48
C CYS A 253 5.78 7.34 -2.27
N LYS A 254 5.93 7.56 -3.58
CA LYS A 254 4.78 7.71 -4.44
C LYS A 254 5.18 7.41 -5.87
N LEU A 255 4.22 6.95 -6.65
CA LEU A 255 4.45 6.64 -8.05
C LEU A 255 4.36 7.91 -8.87
N THR A 256 5.02 7.90 -10.02
CA THR A 256 5.01 9.03 -10.95
C THR A 256 4.78 8.44 -12.33
N ASN A 257 4.54 9.29 -13.31
CA ASN A 257 4.32 8.78 -14.65
C ASN A 257 5.56 8.12 -15.24
N TYR A 258 6.74 8.45 -14.72
CA TYR A 258 7.98 7.88 -15.22
C TYR A 258 8.73 6.99 -14.24
N GLY A 259 8.09 6.63 -13.13
CA GLY A 259 8.72 5.78 -12.13
C GLY A 259 8.10 5.99 -10.77
N HIS A 260 8.93 6.31 -9.79
CA HIS A 260 8.48 6.59 -8.43
C HIS A 260 9.52 7.43 -7.70
N ILE A 261 9.12 8.04 -6.60
CA ILE A 261 10.02 8.88 -5.82
C ILE A 261 9.94 8.53 -4.35
N SER A 262 11.08 8.62 -3.68
CA SER A 262 11.19 8.31 -2.26
C SER A 262 11.99 9.38 -1.52
N LEU A 263 11.49 9.74 -0.35
CA LEU A 263 12.12 10.77 0.46
C LEU A 263 12.30 10.34 1.92
N THR A 264 13.54 10.45 2.40
CA THR A 264 13.85 10.14 3.79
C THR A 264 14.32 11.44 4.42
N ASN A 265 14.71 11.41 5.68
CA ASN A 265 15.20 12.63 6.34
C ASN A 265 16.55 13.01 5.74
N LYS A 266 17.28 12.01 5.25
CA LYS A 266 18.62 12.21 4.69
C LYS A 266 18.74 12.32 3.17
N ASN A 267 17.92 11.57 2.44
CA ASN A 267 18.02 11.58 0.98
C ASN A 267 16.72 11.58 0.20
N TYR A 268 16.81 12.11 -1.01
CA TYR A 268 15.68 12.16 -1.94
C TYR A 268 16.10 11.25 -3.10
N THR A 269 15.35 10.17 -3.30
CA THR A 269 15.65 9.21 -4.36
C THR A 269 14.60 9.23 -5.47
N GLU A 270 15.07 9.49 -6.68
CA GLU A 270 14.19 9.56 -7.83
C GLU A 270 14.47 8.49 -8.88
N THR A 271 13.42 7.74 -9.21
CA THR A 271 13.51 6.70 -10.23
C THR A 271 12.77 7.34 -11.40
N PHE A 272 13.52 7.69 -12.44
CA PHE A 272 12.96 8.41 -13.57
C PHE A 272 13.42 7.89 -14.93
N LYS A 273 12.46 7.42 -15.73
CA LYS A 273 12.74 6.89 -17.06
C LYS A 273 13.96 5.98 -17.09
N GLY A 274 13.96 4.99 -16.21
CA GLY A 274 15.07 4.06 -16.19
C GLY A 274 16.23 4.45 -15.30
N THR A 275 16.34 5.73 -14.95
CA THR A 275 17.45 6.17 -14.10
C THR A 275 17.04 6.19 -12.64
N LYS A 276 18.01 6.04 -11.76
CA LYS A 276 17.75 6.06 -10.33
C LYS A 276 18.85 6.84 -9.64
N ASN A 277 18.46 8.01 -9.13
CA ASN A 277 19.38 8.91 -8.46
C ASN A 277 19.04 9.11 -6.99
N LYS A 278 20.08 9.35 -6.19
CA LYS A 278 19.91 9.61 -4.77
C LYS A 278 20.63 10.92 -4.48
N ARG A 279 19.93 11.84 -3.83
CA ARG A 279 20.51 13.13 -3.51
C ARG A 279 20.40 13.46 -2.02
N PRO A 280 21.54 13.70 -1.37
CA PRO A 280 21.51 14.03 0.07
C PRO A 280 20.80 15.36 0.20
N ILE A 281 19.98 15.50 1.23
CA ILE A 281 19.23 16.73 1.43
C ILE A 281 19.45 17.33 2.81
N GLU A 282 18.96 18.56 3.00
CA GLU A 282 19.09 19.24 4.28
C GLU A 282 17.69 19.40 4.86
N SER A 283 17.60 19.91 6.08
CA SER A 283 16.31 20.12 6.75
C SER A 283 15.26 20.82 5.89
N LYS A 284 15.61 21.97 5.31
CA LYS A 284 14.65 22.73 4.50
C LYS A 284 14.27 22.09 3.17
N ASP A 285 15.17 21.31 2.57
CA ASP A 285 14.83 20.68 1.31
C ASP A 285 13.71 19.69 1.59
N TYR A 286 13.74 19.09 2.78
CA TYR A 286 12.77 18.09 3.19
C TYR A 286 11.34 18.59 3.18
N ALA A 287 11.10 19.66 3.94
CA ALA A 287 9.78 20.25 4.04
C ALA A 287 9.25 20.63 2.65
N ARG A 288 10.10 21.22 1.84
CA ARG A 288 9.74 21.63 0.48
C ARG A 288 9.40 20.45 -0.42
N ILE A 289 10.24 19.42 -0.45
CA ILE A 289 9.97 18.26 -1.30
C ILE A 289 8.69 17.56 -0.84
N LEU A 290 8.51 17.41 0.47
CA LEU A 290 7.29 16.77 0.99
C LEU A 290 6.10 17.46 0.36
N ARG A 291 6.09 18.79 0.45
CA ARG A 291 5.01 19.60 -0.07
C ARG A 291 4.87 19.53 -1.59
N GLU A 292 5.91 19.98 -2.29
CA GLU A 292 5.90 20.03 -3.75
C GLU A 292 5.81 18.71 -4.48
N SER A 293 6.45 17.66 -3.96
CA SER A 293 6.42 16.39 -4.66
C SER A 293 5.35 15.42 -4.17
N PHE A 294 4.97 15.52 -2.90
CA PHE A 294 3.98 14.62 -2.34
C PHE A 294 2.67 15.24 -1.89
N GLY A 295 2.57 16.56 -1.95
CA GLY A 295 1.33 17.20 -1.54
C GLY A 295 1.06 17.10 -0.05
N ILE A 296 2.09 16.81 0.73
CA ILE A 296 1.91 16.72 2.17
C ILE A 296 2.31 18.03 2.83
N THR A 297 1.36 18.65 3.51
CA THR A 297 1.58 19.94 4.18
C THR A 297 1.08 19.94 5.62
#